data_5AR1
#
_entry.id   5AR1
#
_cell.length_a   187.050
_cell.length_b   187.050
_cell.length_c   57.960
_cell.angle_alpha   90.00
_cell.angle_beta   90.00
_cell.angle_gamma   120.00
#
_symmetry.space_group_name_H-M   'P 63 2 2'
#
_entity_poly.entity_id   1
_entity_poly.type   'polypeptide(L)'
_entity_poly.pdbx_seq_one_letter_code
;MSSHHHHHHSSAMASTAENLYFQGGITFTVMIVGQSGSGRSTFINTLCGQQVVDTSTTILLPTDTSTEIDLQLREETVEL
EDDEGVKIQLNIIDTPGFGDSLDNSPSFEIISDYIRHQYDEILLEESRVRRNPRFKDGRVHCCLYLINPTGHGLKEIDVE
FIRQLGSLVNIIPVISKSDSLTRDELKLNKKLIMEDIDRWNLPIYNFPFDEDEISDEDYETNMYLRTLLPFAIIGSNEVY
EMGGDVGTIRGRKYPWGILDVEDSSISDFVILRNALLISHLHDLKNYTHEILYERYRTEALSG
;
_entity_poly.pdbx_strand_id   A
#
# COMPACT_ATOMS: atom_id res chain seq x y z
N ILE A 26 7.42 2.08 19.00
CA ILE A 26 6.75 2.77 17.89
C ILE A 26 5.89 1.78 17.07
N THR A 27 4.56 1.78 17.33
CA THR A 27 3.58 0.93 16.65
C THR A 27 3.31 1.44 15.25
N PHE A 28 2.96 0.52 14.33
CA PHE A 28 2.61 0.85 12.96
C PHE A 28 1.49 -0.04 12.44
N THR A 29 0.50 0.56 11.75
CA THR A 29 -0.65 -0.15 11.19
C THR A 29 -0.60 -0.21 9.67
N VAL A 30 -0.55 -1.43 9.13
CA VAL A 30 -0.53 -1.70 7.69
C VAL A 30 -1.64 -2.71 7.35
N MET A 31 -2.50 -2.37 6.38
CA MET A 31 -3.63 -3.22 6.00
C MET A 31 -3.48 -3.81 4.62
N ILE A 32 -3.80 -5.10 4.48
CA ILE A 32 -3.76 -5.83 3.21
C ILE A 32 -5.19 -5.95 2.69
N VAL A 33 -5.42 -5.44 1.47
CA VAL A 33 -6.72 -5.43 0.81
C VAL A 33 -6.52 -5.97 -0.62
N GLY A 34 -7.49 -6.75 -1.11
CA GLY A 34 -7.42 -7.33 -2.45
C GLY A 34 -8.14 -8.64 -2.61
N GLN A 35 -8.56 -8.93 -3.87
CA GLN A 35 -9.33 -10.10 -4.33
C GLN A 35 -8.75 -11.45 -3.93
N SER A 36 -9.63 -12.48 -3.91
CA SER A 36 -9.28 -13.86 -3.58
C SER A 36 -8.39 -14.46 -4.67
N GLY A 37 -8.77 -14.24 -5.95
CA GLY A 37 -8.13 -14.70 -7.18
C GLY A 37 -6.92 -15.60 -7.07
N SER A 38 -5.75 -14.99 -6.84
CA SER A 38 -4.47 -15.68 -6.68
C SER A 38 -4.45 -16.28 -5.26
N GLY A 39 -4.11 -15.44 -4.28
CA GLY A 39 -4.06 -15.80 -2.86
C GLY A 39 -3.77 -14.60 -1.99
N ARG A 40 -4.83 -14.01 -1.40
CA ARG A 40 -4.71 -12.87 -0.48
C ARG A 40 -4.36 -13.38 0.93
N SER A 41 -4.67 -14.67 1.16
CA SER A 41 -4.46 -15.42 2.41
C SER A 41 -3.02 -15.93 2.58
N THR A 42 -2.28 -16.12 1.47
CA THR A 42 -0.89 -16.58 1.47
C THR A 42 0.09 -15.41 1.48
N PHE A 43 -0.40 -14.20 1.13
CA PHE A 43 0.41 -12.99 1.07
C PHE A 43 0.93 -12.54 2.43
N ILE A 44 0.09 -12.53 3.47
CA ILE A 44 0.47 -12.13 4.84
C ILE A 44 1.66 -12.98 5.30
N ASN A 45 1.63 -14.29 4.96
CA ASN A 45 2.67 -15.27 5.26
C ASN A 45 4.01 -14.93 4.61
N THR A 46 3.95 -14.25 3.43
CA THR A 46 5.12 -13.81 2.67
C THR A 46 5.65 -12.47 3.27
N LEU A 47 5.66 -12.36 4.62
CA LEU A 47 6.13 -11.25 5.46
C LEU A 47 6.47 -11.78 6.88
N LEU A 73 -11.31 -11.15 9.06
CA LEU A 73 -10.29 -10.15 9.37
C LEU A 73 -9.30 -10.70 10.39
N ARG A 74 -7.98 -10.54 10.13
CA ARG A 74 -6.96 -11.03 11.06
C ARG A 74 -5.77 -10.10 11.25
N GLU A 75 -5.45 -9.81 12.52
CA GLU A 75 -4.34 -8.97 12.96
C GLU A 75 -3.11 -9.84 13.26
N GLU A 76 -1.91 -9.33 12.96
CA GLU A 76 -0.64 -10.04 13.19
C GLU A 76 0.47 -9.04 13.48
N THR A 77 1.26 -9.30 14.54
CA THR A 77 2.36 -8.43 14.97
C THR A 77 3.74 -9.04 14.78
N VAL A 78 4.70 -8.22 14.31
CA VAL A 78 6.09 -8.65 14.07
C VAL A 78 7.04 -7.81 14.95
N ASP A 82 12.45 -4.03 14.70
CA ASP A 82 13.55 -3.34 15.37
C ASP A 82 14.30 -2.40 14.42
N ASP A 83 14.68 -1.20 14.93
CA ASP A 83 15.39 -0.15 14.19
C ASP A 83 16.93 -0.33 14.32
N GLU A 84 17.63 0.68 14.85
CA GLU A 84 19.09 0.66 15.09
C GLU A 84 19.27 0.49 16.60
N GLY A 85 18.61 -0.54 17.13
CA GLY A 85 18.60 -0.89 18.55
C GLY A 85 17.19 -0.91 19.09
N VAL A 86 16.46 0.21 18.93
CA VAL A 86 15.08 0.43 19.38
C VAL A 86 14.08 -0.57 18.78
N LYS A 87 13.02 -0.91 19.55
CA LYS A 87 12.00 -1.87 19.14
C LYS A 87 10.87 -1.21 18.34
N ILE A 88 10.48 -1.87 17.23
CA ILE A 88 9.41 -1.41 16.33
C ILE A 88 8.47 -2.58 16.03
N GLN A 89 7.29 -2.56 16.66
CA GLN A 89 6.25 -3.59 16.51
C GLN A 89 5.27 -3.20 15.42
N LEU A 90 5.24 -4.02 14.34
CA LEU A 90 4.38 -3.81 13.18
C LEU A 90 3.11 -4.62 13.30
N ASN A 91 1.96 -3.94 13.18
CA ASN A 91 0.63 -4.52 13.32
C ASN A 91 -0.10 -4.62 11.96
N ILE A 92 0.19 -5.70 11.21
CA ILE A 92 -0.40 -5.97 9.90
C ILE A 92 -1.81 -6.57 10.06
N ILE A 93 -2.80 -6.06 9.29
CA ILE A 93 -4.19 -6.53 9.37
C ILE A 93 -4.72 -6.91 7.97
N ASP A 94 -5.37 -8.08 7.85
CA ASP A 94 -5.90 -8.57 6.57
C ASP A 94 -7.42 -8.50 6.50
N THR A 95 -7.98 -8.33 5.29
CA THR A 95 -9.41 -8.21 4.99
C THR A 95 -9.91 -9.36 4.07
N PRO A 96 -11.24 -9.60 3.88
CA PRO A 96 -11.67 -10.68 2.97
C PRO A 96 -11.57 -10.30 1.50
N GLY A 97 -11.19 -11.26 0.67
CA GLY A 97 -11.03 -11.09 -0.78
C GLY A 97 -12.36 -10.96 -1.51
N PHE A 98 -12.45 -10.00 -2.46
CA PHE A 98 -13.68 -9.78 -3.22
C PHE A 98 -13.59 -10.40 -4.61
N SER A 101 -14.46 -9.27 -7.65
CA SER A 101 -15.88 -9.49 -7.90
C SER A 101 -16.72 -8.29 -7.48
N LEU A 102 -17.41 -7.66 -8.46
CA LEU A 102 -18.28 -6.50 -8.27
C LEU A 102 -19.53 -6.82 -7.44
N ASP A 103 -20.12 -8.02 -7.65
CA ASP A 103 -21.32 -8.50 -6.95
C ASP A 103 -21.09 -8.70 -5.45
N ASN A 104 -19.86 -9.13 -5.07
CA ASN A 104 -19.45 -9.32 -3.68
C ASN A 104 -19.01 -7.97 -3.05
N SER A 105 -19.88 -6.95 -3.20
CA SER A 105 -19.72 -5.58 -2.70
C SER A 105 -19.70 -5.45 -1.15
N PRO A 106 -20.55 -6.19 -0.36
CA PRO A 106 -20.48 -6.04 1.11
C PRO A 106 -19.31 -6.82 1.70
N SER A 107 -18.13 -6.21 1.58
CA SER A 107 -16.83 -6.72 2.05
C SER A 107 -15.83 -5.56 2.02
N PHE A 108 -16.16 -4.50 1.26
CA PHE A 108 -15.38 -3.28 1.08
C PHE A 108 -15.93 -2.10 1.88
N GLU A 109 -17.26 -2.02 2.05
CA GLU A 109 -17.93 -0.96 2.82
C GLU A 109 -17.53 -1.02 4.29
N ILE A 110 -17.19 -2.23 4.78
CA ILE A 110 -16.73 -2.49 6.15
C ILE A 110 -15.25 -2.12 6.29
N ILE A 111 -14.45 -2.18 5.20
CA ILE A 111 -13.03 -1.79 5.15
C ILE A 111 -13.05 -0.27 5.22
N SER A 112 -13.87 0.37 4.35
CA SER A 112 -14.12 1.81 4.25
C SER A 112 -14.64 2.31 5.61
N ASP A 113 -15.51 1.50 6.26
CA ASP A 113 -15.98 1.83 7.60
C ASP A 113 -14.86 1.74 8.62
N TYR A 114 -14.12 0.61 8.68
CA TYR A 114 -12.99 0.44 9.60
C TYR A 114 -12.07 1.68 9.55
N ILE A 115 -11.54 2.01 8.33
CA ILE A 115 -10.66 3.17 8.02
C ILE A 115 -11.27 4.45 8.56
N ARG A 116 -12.52 4.80 8.14
CA ARG A 116 -13.24 5.99 8.60
C ARG A 116 -13.42 6.01 10.12
N HIS A 117 -13.72 4.83 10.70
CA HIS A 117 -14.01 4.67 12.13
C HIS A 117 -12.76 4.86 12.99
N GLN A 118 -11.61 4.46 12.46
CA GLN A 118 -10.36 4.65 13.18
C GLN A 118 -10.05 6.14 13.27
N TYR A 119 -10.30 6.87 12.16
CA TYR A 119 -10.14 8.32 12.04
C TYR A 119 -11.23 9.01 12.84
N ASP A 120 -12.39 8.35 13.04
CA ASP A 120 -13.49 8.88 13.84
C ASP A 120 -13.17 8.87 15.34
N GLU A 121 -12.56 7.77 15.85
CA GLU A 121 -12.21 7.63 17.26
C GLU A 121 -11.02 8.51 17.70
N ILE A 122 -10.19 9.03 16.76
CA ILE A 122 -9.10 9.96 17.12
C ILE A 122 -9.76 11.33 17.29
N LEU A 123 -10.47 11.80 16.24
CA LEU A 123 -11.23 13.05 16.17
C LEU A 123 -12.18 13.16 17.37
N LEU A 124 -12.64 12.01 17.89
CA LEU A 124 -13.50 11.91 19.07
C LEU A 124 -12.70 12.21 20.34
N GLU A 125 -11.51 11.56 20.49
CA GLU A 125 -10.60 11.74 21.62
C GLU A 125 -10.07 13.18 21.69
N GLU A 126 -10.01 13.89 20.53
CA GLU A 126 -9.58 15.29 20.43
C GLU A 126 -10.75 16.29 20.73
N SER A 127 -11.86 15.83 21.34
CA SER A 127 -13.03 16.68 21.66
C SER A 127 -13.49 16.59 23.13
N ARG A 128 -13.12 15.50 23.84
CA ARG A 128 -13.46 15.23 25.25
C ARG A 128 -12.74 16.19 26.21
N GLY A 138 -4.94 3.92 16.47
CA GLY A 138 -5.28 2.69 15.78
C GLY A 138 -5.45 2.76 14.27
N ARG A 139 -5.38 3.99 13.68
CA ARG A 139 -5.59 4.23 12.25
C ARG A 139 -4.53 3.62 11.36
N VAL A 140 -4.96 3.19 10.16
CA VAL A 140 -4.19 2.50 9.13
C VAL A 140 -3.33 3.49 8.33
N HIS A 141 -2.00 3.30 8.39
CA HIS A 141 -1.04 4.16 7.72
C HIS A 141 -0.74 3.75 6.31
N CYS A 142 -1.00 2.47 5.95
CA CYS A 142 -0.70 1.96 4.61
C CYS A 142 -1.61 0.85 4.14
N CYS A 143 -2.05 0.96 2.90
CA CYS A 143 -2.85 -0.06 2.26
C CYS A 143 -2.09 -0.76 1.14
N LEU A 144 -2.03 -2.07 1.23
CA LEU A 144 -1.33 -2.88 0.24
C LEU A 144 -2.38 -3.54 -0.65
N TYR A 145 -2.78 -2.82 -1.72
CA TYR A 145 -3.79 -3.31 -2.66
C TYR A 145 -3.25 -4.40 -3.56
N LEU A 146 -3.66 -5.66 -3.34
CA LEU A 146 -3.20 -6.81 -4.12
C LEU A 146 -3.91 -6.87 -5.46
N ILE A 147 -3.17 -6.69 -6.55
CA ILE A 147 -3.75 -6.74 -7.89
C ILE A 147 -3.43 -8.08 -8.53
N ASN A 148 -4.48 -8.77 -9.01
CA ASN A 148 -4.33 -10.04 -9.72
C ASN A 148 -3.81 -9.70 -11.13
N PRO A 149 -2.71 -10.33 -11.61
CA PRO A 149 -2.18 -9.96 -12.92
C PRO A 149 -2.89 -10.59 -14.13
N THR A 150 -2.17 -10.56 -15.29
CA THR A 150 -2.53 -11.03 -16.63
C THR A 150 -3.65 -10.16 -17.22
N GLY A 151 -4.82 -10.16 -16.56
CA GLY A 151 -6.04 -9.45 -16.92
C GLY A 151 -5.83 -7.98 -17.20
N HIS A 152 -5.47 -7.66 -18.48
CA HIS A 152 -5.14 -6.37 -19.12
C HIS A 152 -5.43 -5.13 -18.26
N GLY A 153 -4.39 -4.65 -17.58
CA GLY A 153 -4.46 -3.48 -16.72
C GLY A 153 -5.31 -3.65 -15.48
N LEU A 154 -5.99 -2.57 -15.08
CA LEU A 154 -6.81 -2.51 -13.87
C LEU A 154 -8.31 -2.75 -14.17
N LYS A 155 -8.95 -3.54 -13.29
CA LYS A 155 -10.39 -3.85 -13.37
C LYS A 155 -11.19 -2.67 -12.82
N GLU A 156 -12.50 -2.62 -13.16
CA GLU A 156 -13.42 -1.56 -12.71
C GLU A 156 -13.54 -1.53 -11.18
N ILE A 157 -13.47 -2.71 -10.52
CA ILE A 157 -13.51 -2.84 -9.06
C ILE A 157 -12.20 -2.37 -8.44
N ASP A 158 -11.06 -2.69 -9.07
CA ASP A 158 -9.73 -2.25 -8.63
C ASP A 158 -9.67 -0.73 -8.72
N VAL A 159 -10.26 -0.16 -9.79
CA VAL A 159 -10.32 1.29 -10.03
C VAL A 159 -11.25 1.97 -9.03
N GLU A 160 -12.51 1.51 -8.95
CA GLU A 160 -13.51 2.09 -8.04
C GLU A 160 -13.15 1.99 -6.57
N PHE A 161 -12.36 0.97 -6.20
CA PHE A 161 -11.92 0.83 -4.83
C PHE A 161 -10.91 1.91 -4.49
N ILE A 162 -9.81 1.97 -5.26
CA ILE A 162 -8.73 2.87 -4.91
C ILE A 162 -9.10 4.37 -5.13
N ARG A 163 -10.15 4.74 -5.90
CA ARG A 163 -10.41 6.19 -6.00
C ARG A 163 -11.08 6.77 -4.77
N GLN A 164 -11.98 6.00 -4.17
CA GLN A 164 -12.70 6.37 -2.97
C GLN A 164 -11.74 6.34 -1.78
N LEU A 165 -11.17 5.15 -1.51
CA LEU A 165 -10.31 4.87 -0.36
C LEU A 165 -8.95 5.49 -0.42
N GLY A 166 -8.55 5.96 -1.61
CA GLY A 166 -7.26 6.60 -1.85
C GLY A 166 -7.12 7.98 -1.22
N SER A 167 -8.25 8.54 -0.78
CA SER A 167 -8.28 9.84 -0.12
C SER A 167 -8.16 9.65 1.39
N LEU A 168 -8.59 8.47 1.89
CA LEU A 168 -8.58 8.11 3.32
C LEU A 168 -7.35 7.33 3.77
N VAL A 169 -6.82 6.41 2.94
CA VAL A 169 -5.66 5.57 3.30
C VAL A 169 -4.56 5.68 2.25
N ASN A 170 -3.28 5.51 2.63
CA ASN A 170 -2.15 5.55 1.67
C ASN A 170 -2.11 4.26 0.85
N ILE A 171 -2.70 4.26 -0.36
CA ILE A 171 -2.72 3.01 -1.15
C ILE A 171 -1.43 2.81 -1.95
N ILE A 172 -0.78 1.66 -1.75
CA ILE A 172 0.43 1.31 -2.52
C ILE A 172 0.10 0.01 -3.35
N PRO A 173 0.04 0.07 -4.71
CA PRO A 173 -0.35 -1.13 -5.48
C PRO A 173 0.70 -2.24 -5.55
N VAL A 174 0.25 -3.49 -5.30
CA VAL A 174 1.12 -4.68 -5.34
C VAL A 174 0.55 -5.69 -6.31
N ILE A 175 1.39 -6.62 -6.81
CA ILE A 175 0.99 -7.63 -7.77
C ILE A 175 1.14 -9.02 -7.17
N SER A 176 0.02 -9.73 -7.04
CA SER A 176 -0.07 -11.08 -6.52
C SER A 176 0.40 -12.09 -7.58
N LYS A 177 0.74 -13.34 -7.15
CA LYS A 177 1.19 -14.45 -8.01
C LYS A 177 2.29 -14.04 -9.02
N SER A 178 3.25 -13.19 -8.57
CA SER A 178 4.35 -12.65 -9.38
C SER A 178 5.23 -13.74 -10.00
N ASP A 179 5.49 -14.82 -9.24
CA ASP A 179 6.33 -15.97 -9.62
C ASP A 179 5.69 -16.91 -10.67
N SER A 180 4.37 -16.77 -10.92
CA SER A 180 3.66 -17.59 -11.92
C SER A 180 3.61 -16.93 -13.31
N LEU A 181 4.28 -15.77 -13.46
CA LEU A 181 4.37 -14.97 -14.68
C LEU A 181 5.81 -14.88 -15.18
N THR A 182 6.00 -14.46 -16.45
CA THR A 182 7.34 -14.25 -17.00
C THR A 182 7.77 -12.82 -16.68
N ARG A 183 8.98 -12.41 -17.13
CA ARG A 183 9.50 -11.07 -16.96
C ARG A 183 8.79 -10.13 -17.94
N ASP A 184 8.54 -10.61 -19.19
CA ASP A 184 7.85 -9.86 -20.23
C ASP A 184 6.39 -9.64 -19.88
N GLU A 185 5.76 -10.66 -19.26
CA GLU A 185 4.38 -10.62 -18.77
C GLU A 185 4.29 -9.59 -17.65
N LEU A 186 5.26 -9.64 -16.71
CA LEU A 186 5.35 -8.74 -15.56
C LEU A 186 5.56 -7.31 -16.01
N LYS A 187 6.52 -7.05 -16.94
CA LYS A 187 6.80 -5.71 -17.46
C LYS A 187 5.51 -5.12 -18.00
N LEU A 188 4.80 -5.90 -18.87
CA LEU A 188 3.54 -5.53 -19.48
C LEU A 188 2.55 -5.09 -18.42
N ASN A 189 2.13 -6.02 -17.54
CA ASN A 189 1.20 -5.77 -16.44
C ASN A 189 1.60 -4.54 -15.62
N LYS A 190 2.92 -4.39 -15.30
CA LYS A 190 3.39 -3.20 -14.59
C LYS A 190 3.00 -1.94 -15.36
N LYS A 191 3.41 -1.85 -16.66
CA LYS A 191 3.13 -0.78 -17.61
C LYS A 191 1.64 -0.38 -17.62
N LEU A 192 0.73 -1.38 -17.78
CA LEU A 192 -0.71 -1.18 -17.88
C LEU A 192 -1.33 -0.66 -16.56
N ILE A 193 -1.05 -1.32 -15.42
CA ILE A 193 -1.58 -0.91 -14.13
C ILE A 193 -1.23 0.56 -13.91
N MET A 194 0.01 0.94 -14.25
CA MET A 194 0.46 2.33 -14.12
C MET A 194 -0.28 3.24 -15.09
N GLU A 195 -0.54 2.76 -16.33
CA GLU A 195 -1.27 3.49 -17.38
C GLU A 195 -2.72 3.77 -16.90
N ASP A 196 -3.36 2.78 -16.22
CA ASP A 196 -4.73 2.91 -15.69
C ASP A 196 -4.77 3.81 -14.47
N ILE A 197 -3.62 3.91 -13.72
CA ILE A 197 -3.53 4.79 -12.56
C ILE A 197 -3.62 6.24 -13.04
N ASP A 198 -2.87 6.57 -14.14
CA ASP A 198 -2.89 7.92 -14.70
C ASP A 198 -4.22 8.25 -15.32
N ARG A 199 -4.73 7.37 -16.21
CA ARG A 199 -6.01 7.57 -16.88
C ARG A 199 -7.20 7.83 -15.95
N TRP A 200 -7.23 7.19 -14.77
CA TRP A 200 -8.33 7.37 -13.83
C TRP A 200 -7.92 8.21 -12.62
N ASN A 201 -6.79 8.96 -12.75
CA ASN A 201 -6.21 9.80 -11.71
C ASN A 201 -6.37 9.12 -10.34
N LEU A 202 -5.79 7.93 -10.21
CA LEU A 202 -6.00 7.17 -8.99
C LEU A 202 -5.05 7.64 -7.90
N PRO A 203 -5.62 8.07 -6.75
CA PRO A 203 -4.77 8.62 -5.69
C PRO A 203 -4.03 7.53 -4.90
N ILE A 204 -2.81 7.22 -5.37
CA ILE A 204 -1.88 6.22 -4.86
C ILE A 204 -0.78 6.93 -4.10
N TYR A 205 -0.12 6.28 -3.09
CA TYR A 205 0.99 6.90 -2.35
C TYR A 205 2.15 6.79 -3.26
N ASN A 206 2.60 7.91 -3.82
CA ASN A 206 3.69 7.82 -4.79
C ASN A 206 5.05 8.30 -4.23
N PHE A 207 5.35 7.92 -2.99
CA PHE A 207 6.60 8.24 -2.31
C PHE A 207 6.93 9.77 -2.33
N PRO A 208 5.99 10.61 -1.81
CA PRO A 208 6.24 12.07 -1.75
C PRO A 208 7.43 12.36 -0.84
N PHE A 209 8.28 13.30 -1.23
CA PHE A 209 9.51 13.60 -0.49
C PHE A 209 9.64 15.06 -0.09
N ASP A 210 10.40 15.34 1.00
CA ASP A 210 10.62 16.69 1.48
C ASP A 210 11.65 17.35 0.60
N GLU A 211 11.18 18.17 -0.35
CA GLU A 211 11.94 18.89 -1.38
C GLU A 211 13.29 19.46 -0.90
N ASP A 212 13.33 20.02 0.32
CA ASP A 212 14.54 20.61 0.91
C ASP A 212 15.30 19.64 1.84
N GLU A 213 14.60 18.89 2.72
CA GLU A 213 15.18 17.94 3.68
C GLU A 213 15.82 16.71 3.01
N ILE A 214 15.03 15.64 2.70
CA ILE A 214 15.46 14.39 2.03
C ILE A 214 16.03 14.67 0.61
N SER A 215 17.30 15.12 0.58
CA SER A 215 17.99 15.59 -0.60
C SER A 215 19.19 14.74 -1.08
N ASP A 216 19.27 14.66 -2.44
CA ASP A 216 20.22 14.00 -3.37
C ASP A 216 20.68 12.65 -2.93
N GLU A 217 20.96 11.74 -3.91
CA GLU A 217 21.32 10.33 -3.66
C GLU A 217 20.06 9.62 -3.10
N ASP A 218 19.50 10.11 -1.95
CA ASP A 218 18.27 9.63 -1.33
C ASP A 218 17.07 9.89 -2.28
N TYR A 219 17.19 10.96 -3.09
CA TYR A 219 16.24 11.32 -4.14
C TYR A 219 16.39 10.25 -5.22
N GLU A 220 17.62 10.06 -5.76
CA GLU A 220 17.92 9.02 -6.72
C GLU A 220 17.34 7.66 -6.30
N THR A 221 17.42 7.30 -4.99
CA THR A 221 16.85 6.05 -4.46
C THR A 221 15.35 6.08 -4.53
N ASN A 222 14.73 7.24 -4.21
CA ASN A 222 13.27 7.41 -4.23
C ASN A 222 12.74 7.32 -5.65
N MET A 223 13.50 7.86 -6.64
CA MET A 223 13.11 7.79 -8.03
C MET A 223 13.10 6.31 -8.43
N TYR A 224 14.08 5.52 -7.91
CA TYR A 224 14.16 4.08 -8.18
C TYR A 224 13.04 3.31 -7.49
N LEU A 225 12.67 3.66 -6.25
CA LEU A 225 11.60 2.92 -5.56
C LEU A 225 10.35 3.01 -6.38
N ARG A 226 9.98 4.26 -6.80
CA ARG A 226 8.78 4.60 -7.57
C ARG A 226 8.73 3.79 -8.85
N THR A 227 9.90 3.47 -9.39
CA THR A 227 10.12 2.67 -10.58
C THR A 227 9.66 1.22 -10.39
N LEU A 228 9.80 0.69 -9.17
CA LEU A 228 9.45 -0.69 -8.83
C LEU A 228 7.96 -0.93 -8.76
N LEU A 229 7.18 0.15 -8.62
CA LEU A 229 5.72 0.17 -8.56
C LEU A 229 5.08 -0.29 -9.86
N PRO A 230 3.99 -1.12 -9.80
CA PRO A 230 3.38 -1.76 -8.62
C PRO A 230 4.30 -2.85 -8.08
N PHE A 231 4.59 -2.83 -6.76
CA PHE A 231 5.50 -3.80 -6.16
C PHE A 231 5.14 -5.26 -6.41
N ALA A 232 6.04 -6.02 -7.05
CA ALA A 232 5.85 -7.46 -7.23
C ALA A 232 6.72 -8.06 -6.14
N ILE A 233 6.19 -8.04 -4.91
CA ILE A 233 6.85 -8.40 -3.66
C ILE A 233 6.66 -9.92 -3.34
N ILE A 234 7.73 -10.73 -3.55
CA ILE A 234 7.73 -12.20 -3.37
C ILE A 234 9.04 -12.77 -2.77
N GLY A 235 8.97 -13.98 -2.20
CA GLY A 235 10.11 -14.67 -1.57
C GLY A 235 10.34 -14.15 -0.17
N SER A 236 11.63 -13.90 0.22
CA SER A 236 11.95 -13.30 1.54
C SER A 236 11.64 -11.80 1.39
N ASN A 237 10.33 -11.44 1.52
CA ASN A 237 9.73 -10.12 1.27
C ASN A 237 10.09 -9.77 -0.19
N GLU A 238 11.28 -9.12 -0.46
CA GLU A 238 11.89 -8.81 -1.77
C GLU A 238 10.98 -8.23 -2.88
N VAL A 239 11.46 -7.22 -3.62
CA VAL A 239 10.71 -6.60 -4.74
C VAL A 239 11.43 -6.96 -6.06
N TYR A 240 10.70 -7.39 -7.13
CA TYR A 240 11.36 -7.75 -8.41
C TYR A 240 11.51 -6.54 -9.37
N GLU A 241 12.61 -6.49 -10.19
CA GLU A 241 12.90 -5.41 -11.19
C GLU A 241 12.92 -5.89 -12.70
N MET A 242 13.37 -4.99 -13.63
CA MET A 242 13.49 -5.22 -15.09
C MET A 242 14.50 -4.23 -15.75
N GLY A 243 15.51 -4.77 -16.42
CA GLY A 243 16.53 -4.00 -17.12
C GLY A 243 17.46 -4.83 -17.96
N ILE A 266 20.85 -4.36 -12.24
CA ILE A 266 21.95 -5.04 -11.53
C ILE A 266 21.47 -6.36 -10.89
N SER A 267 20.29 -6.36 -10.23
CA SER A 267 19.69 -7.49 -9.54
C SER A 267 18.22 -7.70 -9.94
N ASP A 268 17.70 -8.94 -9.78
CA ASP A 268 16.33 -9.30 -10.11
C ASP A 268 15.40 -9.11 -8.89
N PHE A 269 15.90 -9.43 -7.69
CA PHE A 269 15.15 -9.26 -6.45
C PHE A 269 15.88 -8.23 -5.60
N VAL A 270 15.14 -7.24 -5.10
CA VAL A 270 15.62 -6.12 -4.29
C VAL A 270 15.12 -6.34 -2.84
N ILE A 271 16.05 -6.48 -1.89
CA ILE A 271 15.71 -6.67 -0.48
C ILE A 271 16.05 -5.36 0.24
N LEU A 272 15.02 -4.55 0.50
CA LEU A 272 15.07 -3.21 1.14
C LEU A 272 15.91 -3.14 2.44
N ARG A 273 16.80 -2.11 2.51
CA ARG A 273 17.64 -1.79 3.68
C ARG A 273 16.66 -1.67 4.86
N ASN A 274 16.90 -2.39 5.98
CA ASN A 274 15.99 -2.33 7.15
C ASN A 274 15.68 -0.87 7.50
N ALA A 275 16.74 -0.02 7.49
CA ALA A 275 16.70 1.42 7.71
C ALA A 275 15.74 2.10 6.72
N LEU A 276 15.87 1.80 5.41
CA LEU A 276 15.00 2.37 4.38
C LEU A 276 13.50 2.03 4.57
N LEU A 277 13.15 0.76 4.85
CA LEU A 277 11.75 0.37 5.04
C LEU A 277 11.12 1.16 6.21
N ILE A 278 11.85 1.24 7.35
CA ILE A 278 11.41 1.97 8.53
C ILE A 278 11.19 3.47 8.24
N SER A 279 12.10 4.10 7.47
CA SER A 279 11.96 5.53 7.16
C SER A 279 10.71 5.79 6.37
N HIS A 280 10.40 4.93 5.39
CA HIS A 280 9.17 5.06 4.60
C HIS A 280 7.91 4.84 5.45
N LEU A 281 7.97 3.89 6.39
CA LEU A 281 6.89 3.58 7.30
C LEU A 281 6.59 4.84 8.13
N HIS A 282 7.67 5.57 8.53
CA HIS A 282 7.57 6.84 9.23
C HIS A 282 6.99 7.92 8.34
N ASP A 283 7.20 7.85 7.00
CA ASP A 283 6.58 8.84 6.11
C ASP A 283 5.09 8.53 5.88
N LEU A 284 4.68 7.24 5.89
CA LEU A 284 3.29 6.84 5.71
C LEU A 284 2.55 7.08 7.01
N LYS A 285 3.27 6.93 8.16
CA LYS A 285 2.66 7.16 9.47
C LYS A 285 2.38 8.64 9.54
N ASN A 286 3.38 9.47 9.18
CA ASN A 286 3.29 10.91 9.17
C ASN A 286 2.33 11.42 8.13
N TYR A 287 2.33 10.85 6.93
CA TYR A 287 1.40 11.27 5.87
C TYR A 287 -0.05 11.05 6.28
N THR A 288 -0.40 9.89 6.90
CA THR A 288 -1.80 9.68 7.29
C THR A 288 -2.24 10.58 8.43
N HIS A 289 -1.31 11.11 9.25
CA HIS A 289 -1.63 12.01 10.35
C HIS A 289 -1.60 13.50 9.95
N GLU A 290 -0.50 13.93 9.29
CA GLU A 290 -0.29 15.32 8.89
C GLU A 290 -1.27 15.84 7.79
N ILE A 291 -1.61 15.01 6.77
CA ILE A 291 -2.48 15.48 5.67
C ILE A 291 -3.78 14.63 5.48
N LEU A 292 -3.66 13.29 5.45
CA LEU A 292 -4.79 12.36 5.23
C LEU A 292 -5.91 12.37 6.31
N TYR A 293 -5.56 12.68 7.57
CA TYR A 293 -6.50 12.80 8.69
C TYR A 293 -6.98 14.23 8.72
N GLU A 294 -6.11 15.16 8.29
CA GLU A 294 -6.39 16.59 8.22
C GLU A 294 -7.55 16.91 7.26
N ARG A 295 -7.60 16.18 6.11
CA ARG A 295 -8.62 16.31 5.08
C ARG A 295 -9.94 15.74 5.60
N TYR A 296 -9.87 14.65 6.39
CA TYR A 296 -11.05 14.00 6.96
C TYR A 296 -11.62 14.82 8.11
N ARG A 297 -10.74 15.50 8.88
CA ARG A 297 -11.09 16.37 10.01
C ARG A 297 -11.80 17.60 9.48
N THR A 298 -11.29 18.19 8.37
CA THR A 298 -11.86 19.38 7.75
C THR A 298 -12.98 18.99 6.72
N GLU A 299 -13.58 17.79 6.92
CA GLU A 299 -14.69 17.28 6.12
C GLU A 299 -15.95 17.31 6.99
N ALA A 300 -15.84 16.82 8.24
CA ALA A 300 -16.94 16.79 9.23
C ALA A 300 -17.11 18.17 9.88
N LEU A 301 -16.01 18.97 9.92
CA LEU A 301 -15.96 20.33 10.46
C LEU A 301 -16.11 21.37 9.34
N SER A 302 -15.35 21.28 8.33
#